data_1YKV
#
_entry.id   1YKV
#
_cell.length_a   78.288
_cell.length_b   44.039
_cell.length_c   79.998
_cell.angle_alpha   90.00
_cell.angle_beta   106.87
_cell.angle_gamma   90.00
#
_symmetry.space_group_name_H-M   'P 1 21 1'
#
loop_
_entity.id
_entity.type
_entity.pdbx_description
1 polymer 'Diels-Alder ribozyme'
2 polymer 'Diels-Alder ribozyme'
3 non-polymer "(3AS,9AS)-2-PENTYL-4-HYDROXYMETHYL-3A,4,9,9A-TETRAHYDRO-4,9[1',2']-BENZENO-1H-BENZ[F]ISOINDOLE-1,3(2H)-DIONE"
4 non-polymer 'MAGNESIUM ION'
#
loop_
_entity_poly.entity_id
_entity_poly.type
_entity_poly.pdbx_seq_one_letter_code
_entity_poly.pdbx_strand_id
1 'polyribonucleotide' GGAGCUCGCCC A,C
2 'polyribonucleotide' GGGCGAGGCCGUGCCAGCUCUUCGGAGCAAUACUCGGC B,D
#
loop_
_chem_comp.id
_chem_comp.type
_chem_comp.name
_chem_comp.formula
A RNA linking ADENOSINE-5'-MONOPHOSPHATE 'C10 H14 N5 O7 P'
C RNA linking CYTIDINE-5'-MONOPHOSPHATE 'C9 H14 N3 O8 P'
DAI non-polymer (3AS,9AS)-2-PENTYL-4-HYDROXYMETHYL-3A,4,9,9A-TETRAHYDRO-4,9[1',2']-BENZENO-1H-BENZ[F]ISOINDOLE-1,3(2H)-DIONE 'C24 H25 N O3'
G RNA linking GUANOSINE-5'-MONOPHOSPHATE 'C10 H14 N5 O8 P'
MG non-polymer 'MAGNESIUM ION' 'Mg 2'
U RNA linking URIDINE-5'-MONOPHOSPHATE 'C9 H13 N2 O9 P'
#
# COMPACT_ATOMS: atom_id res chain seq x y z
O23 DAI E . 0.91 1.50 -8.16
C24 DAI E . 1.14 0.50 -8.83
C28 DAI E . 1.43 0.57 -10.30
C13 DAI E . 2.69 1.37 -10.58
C15 DAI E . 2.96 1.17 -11.99
C16 DAI E . 3.11 -0.13 -12.37
C17 DAI E . 3.30 -0.46 -13.70
C18 DAI E . 3.33 0.56 -14.64
C19 DAI E . 3.18 1.87 -14.25
C14 DAI E . 2.98 2.19 -12.90
C12 DAI E . 3.71 0.67 -9.80
C11 DAI E . 3.88 -0.65 -10.13
C9 DAI E . 4.76 -1.43 -9.41
C8 DAI E . 5.48 -0.86 -8.36
C7 DAI E . 5.30 0.49 -8.04
C6 DAI E . 4.38 1.25 -8.75
C27 DAI E . 1.60 -0.90 -10.67
C10 DAI E . 3.02 -1.13 -11.24
C5 DAI E . 3.29 -2.57 -11.72
O4 DAI E . 4.37 -2.62 -12.67
C26 DAI E . 1.41 -1.56 -9.34
O22 DAI E . 1.49 -2.77 -9.19
N25 DAI E . 1.20 -0.70 -8.39
C21 DAI E . 1.09 -1.06 -6.96
C20 DAI E . -0.24 -0.50 -6.44
C3 DAI E . -1.14 -1.62 -5.93
C2 DAI E . -2.25 -1.06 -5.05
C1 DAI E . -1.93 -1.21 -3.57
MG MG F . 9.83 -4.67 0.48
MG MG G . 7.14 -9.55 -4.42
MG MG H . -10.23 1.02 -13.71
MG MG I . -9.82 -5.66 -1.72
O23 DAI J . -0.84 -1.49 8.17
C24 DAI J . -1.57 -0.71 8.78
C28 DAI J . -1.69 -0.68 10.28
C13 DAI J . -0.45 -0.11 10.99
C15 DAI J . -0.84 0.04 12.38
C16 DAI J . -1.92 0.85 12.60
C17 DAI J . -2.43 1.04 13.87
C18 DAI J . -1.82 0.38 14.92
C19 DAI J . -0.74 -0.46 14.70
C14 DAI J . -0.25 -0.64 13.42
C12 DAI J . -0.28 1.22 10.44
C11 DAI J . -1.35 2.07 10.61
C9 DAI J . -1.32 3.35 10.09
C8 DAI J . -0.19 3.78 9.41
C7 DAI J . 0.90 2.91 9.23
C6 DAI J . 0.85 1.61 9.75
C27 DAI J . -2.88 0.26 10.48
C10 DAI J . -2.49 1.46 11.36
C5 DAI J . -3.63 2.42 11.67
O4 DAI J . -3.27 3.25 12.77
C26 DAI J . -3.18 0.65 9.06
O22 DAI J . -4.12 1.38 8.78
N25 DAI J . -2.34 0.15 8.23
C21 DAI J . -2.21 0.57 6.82
C20 DAI J . -2.99 -0.45 5.99
C3 DAI J . -2.14 -0.97 4.83
C2 DAI J . -2.94 -1.93 3.94
C1 DAI J . -2.75 -1.61 2.47
MG MG K . 0.54 10.78 1.44
MG MG L . -5.67 10.30 4.56
MG MG M . -7.37 -11.44 10.67
#